data_3F6W
#
_entry.id   3F6W
#
_cell.length_a   90.196
_cell.length_b   48.306
_cell.length_c   111.424
_cell.angle_alpha   90.00
_cell.angle_beta   98.00
_cell.angle_gamma   90.00
#
_symmetry.space_group_name_H-M   'C 1 2 1'
#
loop_
_entity.id
_entity.type
_entity.pdbx_description
1 polymer 'XRE-family like protein'
2 non-polymer 2-[BIS-(2-HYDROXY-ETHYL)-AMINO]-2-HYDROXYMETHYL-PROPANE-1,3-DIOL
3 water water
#
_entity_poly.entity_id   1
_entity_poly.type   'polypeptide(L)'
_entity_poly.pdbx_seq_one_letter_code
;SNATKTIHNARYQALLDLLLEARSAAGITQKELAARLGRPQSFVSKTENAERRLDVIEF(MSE)DFCRGIGTDPYALLSK
LEA(MSE)TPS
;
_entity_poly.pdbx_strand_id   A,B,C,D,E
#
# COMPACT_ATOMS: atom_id res chain seq x y z
N SER A 1 39.48 7.31 -6.33
CA SER A 1 38.85 6.03 -6.00
C SER A 1 37.41 5.99 -6.50
N ASN A 2 36.66 4.95 -6.15
CA ASN A 2 35.24 4.84 -6.54
C ASN A 2 34.31 5.22 -5.38
N ALA A 3 34.86 5.86 -4.37
CA ALA A 3 34.14 6.17 -3.14
C ALA A 3 32.83 6.93 -3.37
N THR A 4 32.88 7.96 -4.21
CA THR A 4 31.71 8.79 -4.41
C THR A 4 30.53 7.97 -4.92
N LYS A 5 30.76 7.14 -5.92
CA LYS A 5 29.67 6.34 -6.47
C LYS A 5 29.25 5.22 -5.54
N THR A 6 30.23 4.62 -4.88
CA THR A 6 29.94 3.59 -3.88
C THR A 6 28.93 4.10 -2.86
N ILE A 7 29.17 5.31 -2.37
CA ILE A 7 28.28 5.88 -1.36
C ILE A 7 26.94 6.28 -1.98
N HIS A 8 26.98 6.88 -3.17
CA HIS A 8 25.74 7.22 -3.85
C HIS A 8 24.87 5.98 -4.04
N ASN A 9 25.47 4.88 -4.48
CA ASN A 9 24.69 3.71 -4.81
C ASN A 9 23.98 3.14 -3.58
N ALA A 10 24.66 3.18 -2.44
CA ALA A 10 24.05 2.67 -1.22
C ALA A 10 22.90 3.54 -0.75
N ARG A 11 23.05 4.86 -0.87
CA ARG A 11 22.01 5.74 -0.41
C ARG A 11 20.78 5.56 -1.29
N TYR A 12 21.03 5.36 -2.58
CA TYR A 12 19.93 5.14 -3.52
C TYR A 12 19.24 3.81 -3.19
N GLN A 13 20.03 2.78 -2.89
CA GLN A 13 19.42 1.49 -2.57
CA GLN A 13 19.46 1.47 -2.55
C GLN A 13 18.62 1.56 -1.28
N ALA A 14 19.12 2.32 -0.31
CA ALA A 14 18.43 2.52 0.96
C ALA A 14 17.11 3.24 0.73
N LEU A 15 17.12 4.25 -0.14
CA LEU A 15 15.87 4.90 -0.52
C LEU A 15 14.87 3.92 -1.14
N LEU A 16 15.33 3.05 -2.04
CA LEU A 16 14.43 2.02 -2.58
C LEU A 16 13.87 1.10 -1.48
N ASP A 17 14.73 0.72 -0.55
CA ASP A 17 14.34 -0.10 0.61
C ASP A 17 13.20 0.59 1.36
N LEU A 18 13.40 1.87 1.67
CA LEU A 18 12.36 2.65 2.36
C LEU A 18 11.08 2.75 1.57
N LEU A 19 11.20 2.88 0.25
CA LEU A 19 10.00 3.04 -0.57
C LEU A 19 9.21 1.75 -0.63
N LEU A 20 9.92 0.63 -0.67
CA LEU A 20 9.26 -0.66 -0.68
C LEU A 20 8.56 -0.87 0.66
N GLU A 21 9.26 -0.57 1.75
CA GLU A 21 8.63 -0.62 3.07
C GLU A 21 7.34 0.19 3.08
N ALA A 22 7.39 1.40 2.52
CA ALA A 22 6.24 2.30 2.51
C ALA A 22 5.08 1.76 1.66
N ARG A 23 5.38 1.25 0.47
CA ARG A 23 4.29 0.74 -0.37
C ARG A 23 3.65 -0.48 0.28
N SER A 24 4.48 -1.39 0.76
CA SER A 24 4.00 -2.57 1.47
C SER A 24 3.14 -2.18 2.67
N ALA A 25 3.58 -1.19 3.44
CA ALA A 25 2.83 -0.77 4.62
C ALA A 25 1.47 -0.18 4.24
N ALA A 26 1.42 0.46 3.08
CA ALA A 26 0.20 1.12 2.63
C ALA A 26 -0.82 0.10 2.13
N GLY A 27 -0.37 -1.13 1.90
CA GLY A 27 -1.23 -2.19 1.41
C GLY A 27 -1.62 -1.99 -0.04
N ILE A 28 -0.70 -1.43 -0.82
CA ILE A 28 -0.94 -1.11 -2.22
C ILE A 28 -0.06 -1.97 -3.12
N THR A 29 -0.65 -2.66 -4.10
CA THR A 29 0.15 -3.48 -5.01
C THR A 29 0.88 -2.58 -6.02
N GLN A 30 1.87 -3.14 -6.69
CA GLN A 30 2.54 -2.41 -7.77
C GLN A 30 1.53 -2.00 -8.85
N LYS A 31 0.68 -2.93 -9.25
CA LYS A 31 -0.32 -2.65 -10.28
C LYS A 31 -1.21 -1.49 -9.89
N GLU A 32 -1.62 -1.46 -8.61
CA GLU A 32 -2.43 -0.37 -8.10
C GLU A 32 -1.69 0.98 -8.05
N LEU A 33 -0.43 0.94 -7.61
CA LEU A 33 0.39 2.14 -7.60
C LEU A 33 0.52 2.69 -9.01
N ALA A 34 0.82 1.81 -9.96
CA ALA A 34 0.96 2.23 -11.36
C ALA A 34 -0.32 2.89 -11.88
N ALA A 35 -1.47 2.28 -11.60
CA ALA A 35 -2.74 2.88 -11.99
C ALA A 35 -2.86 4.31 -11.45
N ARG A 36 -2.54 4.50 -10.18
CA ARG A 36 -2.63 5.83 -9.59
C ARG A 36 -1.70 6.82 -10.30
N LEU A 37 -0.54 6.32 -10.72
CA LEU A 37 0.48 7.18 -11.36
C LEU A 37 0.12 7.41 -12.82
N GLY A 38 -0.79 6.59 -13.34
CA GLY A 38 -1.08 6.62 -14.75
C GLY A 38 0.10 6.14 -15.58
N ARG A 39 0.81 5.14 -15.07
CA ARG A 39 1.94 4.53 -15.77
C ARG A 39 1.80 3.00 -15.80
N PRO A 40 2.52 2.32 -16.71
CA PRO A 40 2.46 0.86 -16.78
C PRO A 40 3.02 0.28 -15.50
N GLN A 41 2.63 -0.94 -15.13
CA GLN A 41 3.17 -1.57 -13.92
C GLN A 41 4.67 -1.70 -14.02
N SER A 42 5.18 -1.87 -15.23
CA SER A 42 6.61 -2.03 -15.43
C SER A 42 7.38 -0.84 -14.85
N PHE A 43 6.76 0.33 -14.87
CA PHE A 43 7.41 1.52 -14.26
C PHE A 43 7.71 1.28 -12.79
N VAL A 44 6.71 0.79 -12.06
CA VAL A 44 6.85 0.55 -10.65
C VAL A 44 7.80 -0.60 -10.40
N SER A 45 7.61 -1.71 -11.12
CA SER A 45 8.45 -2.87 -10.89
C SER A 45 9.92 -2.60 -11.21
N LYS A 46 10.20 -1.88 -12.28
CA LYS A 46 11.59 -1.57 -12.64
C LYS A 46 12.20 -0.56 -11.67
N THR A 47 11.36 0.34 -11.16
CA THR A 47 11.83 1.27 -10.15
C THR A 47 12.25 0.49 -8.91
N GLU A 48 11.38 -0.41 -8.46
CA GLU A 48 11.70 -1.17 -7.23
C GLU A 48 12.86 -2.15 -7.40
N ASN A 49 13.00 -2.70 -8.60
CA ASN A 49 14.09 -3.63 -8.88
C ASN A 49 15.41 -2.96 -9.25
N ALA A 50 15.44 -1.63 -9.24
CA ALA A 50 16.61 -0.86 -9.66
C ALA A 50 17.03 -1.09 -11.11
N GLU A 51 16.04 -1.36 -11.97
CA GLU A 51 16.29 -1.52 -13.39
C GLU A 51 15.97 -0.25 -14.19
N ARG A 52 15.54 0.80 -13.49
CA ARG A 52 15.43 2.12 -14.11
C ARG A 52 15.71 3.14 -13.02
N ARG A 53 16.12 4.36 -13.39
CA ARG A 53 16.49 5.36 -12.39
C ARG A 53 15.31 6.28 -12.07
N LEU A 54 15.06 6.49 -10.78
N LEU A 54 15.12 6.56 -10.79
CA LEU A 54 14.03 7.41 -10.34
CA LEU A 54 14.01 7.38 -10.35
C LEU A 54 14.63 8.80 -10.25
C LEU A 54 14.46 8.82 -10.09
N ASP A 55 13.96 9.77 -10.87
CA ASP A 55 14.34 11.17 -10.67
C ASP A 55 13.48 11.78 -9.56
N VAL A 56 13.84 12.97 -9.12
CA VAL A 56 13.16 13.52 -7.94
C VAL A 56 11.69 13.82 -8.24
N ILE A 57 11.40 14.15 -9.49
CA ILE A 57 10.01 14.39 -9.88
C ILE A 57 9.18 13.12 -9.78
N GLU A 58 9.65 12.04 -10.39
CA GLU A 58 8.97 10.75 -10.28
C GLU A 58 8.86 10.31 -8.83
N PHE A 59 9.92 10.56 -8.06
CA PHE A 59 9.95 10.21 -6.65
C PHE A 59 8.83 10.90 -5.88
N ASP A 61 6.02 11.90 -7.00
CA ASP A 61 4.72 11.36 -7.41
C ASP A 61 4.51 9.95 -6.85
N PHE A 62 5.60 9.18 -6.83
CA PHE A 62 5.61 7.80 -6.33
C PHE A 62 5.17 7.84 -4.86
N CYS A 63 5.79 8.72 -4.09
CA CYS A 63 5.44 8.91 -2.69
C CYS A 63 3.96 9.28 -2.49
N ARG A 64 3.50 10.29 -3.24
CA ARG A 64 2.11 10.71 -3.13
C ARG A 64 1.19 9.54 -3.47
N GLY A 65 1.59 8.74 -4.44
CA GLY A 65 0.77 7.61 -4.87
C GLY A 65 0.60 6.56 -3.78
N ILE A 66 1.60 6.43 -2.92
CA ILE A 66 1.48 5.49 -1.80
C ILE A 66 1.00 6.14 -0.51
N GLY A 67 0.94 7.46 -0.48
CA GLY A 67 0.44 8.15 0.68
C GLY A 67 1.50 8.65 1.64
N THR A 68 2.76 8.60 1.23
N THR A 68 2.76 8.61 1.20
CA THR A 68 3.84 9.04 2.12
CA THR A 68 3.87 9.05 2.02
C THR A 68 4.48 10.35 1.67
C THR A 68 4.30 10.47 1.66
N ASP A 69 4.78 11.21 2.65
CA ASP A 69 5.32 12.54 2.41
C ASP A 69 6.75 12.45 1.87
N PRO A 70 6.98 12.90 0.63
CA PRO A 70 8.31 12.77 0.03
C PRO A 70 9.37 13.58 0.77
N TYR A 71 9.02 14.77 1.24
CA TYR A 71 9.97 15.59 1.99
C TYR A 71 10.41 14.88 3.26
N ALA A 72 9.44 14.25 3.94
CA ALA A 72 9.73 13.55 5.18
C ALA A 72 10.60 12.31 4.93
N LEU A 73 10.33 11.60 3.85
CA LEU A 73 11.12 10.41 3.55
C LEU A 73 12.57 10.81 3.27
N LEU A 74 12.76 11.85 2.47
CA LEU A 74 14.12 12.32 2.19
C LEU A 74 14.85 12.75 3.47
N SER A 75 14.13 13.42 4.36
CA SER A 75 14.72 13.90 5.61
C SER A 75 15.22 12.74 6.46
N LYS A 76 14.42 11.68 6.51
CA LYS A 76 14.75 10.48 7.24
C LYS A 76 15.97 9.80 6.65
N LEU A 77 15.99 9.70 5.32
CA LEU A 77 17.13 9.10 4.65
C LEU A 77 18.40 9.87 4.98
N GLU A 78 18.34 11.19 4.91
CA GLU A 78 19.49 12.03 5.14
C GLU A 78 19.97 11.94 6.59
N ALA A 79 19.03 11.72 7.50
CA ALA A 79 19.36 11.63 8.92
C ALA A 79 20.27 10.44 9.19
N THR A 81 23.05 9.63 7.62
CA THR A 81 24.45 9.99 7.56
C THR A 81 24.66 11.35 8.23
N PRO A 82 24.52 11.38 9.56
CA PRO A 82 24.66 12.60 10.36
C PRO A 82 26.01 13.28 10.17
N ASN B 2 2.10 10.88 -24.56
CA ASN B 2 1.64 10.53 -23.22
C ASN B 2 1.54 11.76 -22.32
N ALA B 3 0.33 12.09 -21.89
CA ALA B 3 0.09 13.27 -21.08
C ALA B 3 0.93 13.31 -19.79
N THR B 4 0.96 12.20 -19.06
CA THR B 4 1.71 12.21 -17.80
C THR B 4 3.20 12.43 -18.07
N LYS B 5 3.68 11.82 -19.15
N LYS B 5 3.70 11.86 -19.16
CA LYS B 5 5.06 11.95 -19.55
CA LYS B 5 5.13 11.99 -19.48
C LYS B 5 5.33 13.41 -19.88
C LYS B 5 5.47 13.37 -20.05
N THR B 6 4.57 13.95 -20.82
CA THR B 6 4.72 15.34 -21.24
C THR B 6 4.81 16.28 -20.03
N ILE B 7 3.92 16.07 -19.06
CA ILE B 7 3.94 16.88 -17.86
C ILE B 7 5.21 16.63 -17.04
N HIS B 8 5.59 15.37 -16.87
CA HIS B 8 6.83 15.10 -16.14
C HIS B 8 8.02 15.81 -16.78
N ASN B 9 8.14 15.73 -18.10
CA ASN B 9 9.34 16.23 -18.75
C ASN B 9 9.47 17.74 -18.59
N ALA B 10 8.32 18.41 -18.57
CA ALA B 10 8.30 19.86 -18.36
C ALA B 10 8.64 20.22 -16.93
N ARG B 11 8.18 19.42 -15.97
CA ARG B 11 8.51 19.68 -14.58
C ARG B 11 10.01 19.44 -14.38
N TYR B 12 10.53 18.40 -15.00
CA TYR B 12 11.97 18.11 -14.91
C TYR B 12 12.79 19.24 -15.54
N GLN B 13 12.35 19.75 -16.69
N GLN B 13 12.33 19.74 -16.69
CA GLN B 13 13.07 20.87 -17.30
CA GLN B 13 12.98 20.87 -17.34
C GLN B 13 12.99 22.13 -16.43
C GLN B 13 12.98 22.11 -16.43
N ALA B 14 11.84 22.38 -15.81
CA ALA B 14 11.70 23.49 -14.87
C ALA B 14 12.67 23.33 -13.69
N LEU B 15 12.79 22.10 -13.20
CA LEU B 15 13.78 21.79 -12.17
C LEU B 15 15.19 22.17 -12.63
N LEU B 16 15.55 21.80 -13.86
CA LEU B 16 16.86 22.14 -14.41
C LEU B 16 17.03 23.66 -14.51
N ASP B 17 15.98 24.34 -14.92
CA ASP B 17 16.01 25.80 -15.00
C ASP B 17 16.30 26.42 -13.64
N LEU B 18 15.65 25.89 -12.60
CA LEU B 18 15.87 26.37 -11.23
C LEU B 18 17.26 26.05 -10.75
N LEU B 19 17.76 24.87 -11.10
CA LEU B 19 19.13 24.52 -10.74
C LEU B 19 20.15 25.42 -11.44
N LEU B 20 19.90 25.78 -12.68
CA LEU B 20 20.84 26.65 -13.38
C LEU B 20 20.82 28.04 -12.75
N GLU B 21 19.61 28.53 -12.50
CA GLU B 21 19.44 29.79 -11.78
C GLU B 21 20.26 29.76 -10.49
N ALA B 22 20.20 28.64 -9.77
CA ALA B 22 20.90 28.54 -8.49
C ALA B 22 22.43 28.49 -8.62
N ARG B 23 22.94 27.70 -9.55
CA ARG B 23 24.38 27.67 -9.77
C ARG B 23 24.89 29.06 -10.19
N SER B 24 24.16 29.70 -11.08
CA SER B 24 24.56 31.01 -11.58
C SER B 24 24.58 32.03 -10.44
N ALA B 25 23.52 32.04 -9.63
CA ALA B 25 23.46 32.91 -8.47
C ALA B 25 24.61 32.63 -7.49
N ALA B 26 24.96 31.37 -7.31
CA ALA B 26 26.07 31.01 -6.41
C ALA B 26 27.42 31.49 -6.95
N GLY B 27 27.46 31.83 -8.22
CA GLY B 27 28.69 32.32 -8.82
C GLY B 27 29.75 31.28 -9.13
N ILE B 28 29.37 30.01 -9.25
CA ILE B 28 30.39 28.98 -9.55
C ILE B 28 30.25 28.38 -10.95
N THR B 29 31.37 27.93 -11.51
CA THR B 29 31.39 27.32 -12.82
C THR B 29 30.94 25.87 -12.74
N GLN B 30 30.77 25.25 -13.90
CA GLN B 30 30.50 23.83 -13.97
C GLN B 30 31.68 23.04 -13.41
N LYS B 31 32.89 23.42 -13.79
CA LYS B 31 34.09 22.73 -13.28
C LYS B 31 34.17 22.84 -11.76
N GLU B 32 33.78 23.99 -11.21
CA GLU B 32 33.83 24.18 -9.77
C GLU B 32 32.80 23.30 -9.08
N LEU B 33 31.58 23.27 -9.63
CA LEU B 33 30.54 22.42 -9.05
C LEU B 33 31.00 20.97 -9.11
N ALA B 34 31.59 20.59 -10.23
CA ALA B 34 32.06 19.21 -10.41
C ALA B 34 33.05 18.85 -9.31
N ALA B 35 33.99 19.74 -9.05
CA ALA B 35 34.99 19.50 -8.02
C ALA B 35 34.33 19.35 -6.65
N ARG B 36 33.33 20.16 -6.34
CA ARG B 36 32.67 20.01 -5.05
C ARG B 36 32.00 18.65 -4.94
N LEU B 37 31.55 18.12 -6.07
CA LEU B 37 30.84 16.84 -6.12
C LEU B 37 31.77 15.64 -6.19
N GLY B 38 33.02 15.89 -6.57
CA GLY B 38 33.94 14.79 -6.78
C GLY B 38 33.61 14.01 -8.03
N ARG B 39 33.05 14.71 -9.02
CA ARG B 39 32.70 14.11 -10.31
C ARG B 39 33.35 14.84 -11.49
N PRO B 40 33.40 14.21 -12.66
CA PRO B 40 33.95 14.89 -13.84
C PRO B 40 33.05 16.06 -14.24
N GLN B 41 33.61 17.05 -14.91
CA GLN B 41 32.78 18.14 -15.41
C GLN B 41 31.64 17.62 -16.27
N SER B 42 31.87 16.54 -17.00
CA SER B 42 30.82 16.03 -17.89
C SER B 42 29.54 15.68 -17.13
N PHE B 43 29.67 15.23 -15.88
CA PHE B 43 28.48 14.96 -15.08
C PHE B 43 27.63 16.24 -14.98
N VAL B 44 28.28 17.34 -14.67
CA VAL B 44 27.57 18.61 -14.51
C VAL B 44 27.04 19.10 -15.86
N SER B 45 27.87 19.08 -16.89
CA SER B 45 27.43 19.68 -18.15
C SER B 45 26.28 18.87 -18.77
N LYS B 46 26.35 17.55 -18.69
CA LYS B 46 25.27 16.71 -19.22
C LYS B 46 24.00 16.83 -18.37
N THR B 47 24.17 17.05 -17.07
CA THR B 47 23.01 17.29 -16.23
C THR B 47 22.30 18.55 -16.74
N GLU B 48 23.08 19.62 -16.94
CA GLU B 48 22.47 20.89 -17.31
C GLU B 48 21.91 20.91 -18.74
N ASN B 49 22.53 20.20 -19.67
N ASN B 49 22.55 20.14 -19.63
CA ASN B 49 21.97 20.17 -21.02
CA ASN B 49 22.13 20.01 -21.03
C ASN B 49 21.03 18.99 -21.24
C ASN B 49 20.98 19.03 -21.23
N ALA B 50 20.56 18.41 -20.13
CA ALA B 50 19.54 17.37 -20.16
C ALA B 50 19.95 16.13 -20.96
N GLU B 51 21.25 15.90 -21.03
CA GLU B 51 21.77 14.71 -21.71
CA GLU B 51 21.82 14.72 -21.70
C GLU B 51 22.00 13.57 -20.71
N ARG B 52 21.90 13.87 -19.42
CA ARG B 52 21.98 12.84 -18.39
C ARG B 52 20.94 13.17 -17.32
N ARG B 53 20.05 12.24 -17.03
CA ARG B 53 18.99 12.53 -16.07
C ARG B 53 19.47 12.32 -14.63
N LEU B 54 19.15 13.25 -13.74
CA LEU B 54 19.57 13.11 -12.33
C LEU B 54 18.65 12.15 -11.60
N ASP B 55 19.20 11.23 -10.81
CA ASP B 55 18.33 10.45 -9.93
C ASP B 55 18.09 11.25 -8.65
N VAL B 56 17.19 10.76 -7.81
CA VAL B 56 16.81 11.55 -6.64
C VAL B 56 17.97 11.89 -5.71
N ILE B 57 18.85 10.92 -5.44
CA ILE B 57 20.04 11.14 -4.59
C ILE B 57 20.98 12.17 -5.23
N GLU B 58 21.27 11.98 -6.52
CA GLU B 58 22.13 12.92 -7.26
C GLU B 58 21.57 14.36 -7.22
N PHE B 59 20.27 14.51 -7.31
CA PHE B 59 19.64 15.83 -7.21
C PHE B 59 19.96 16.47 -5.86
N ASP B 61 22.48 15.91 -3.86
CA ASP B 61 23.91 16.25 -3.82
C ASP B 61 24.24 17.46 -4.68
N PHE B 62 23.58 17.52 -5.84
CA PHE B 62 23.77 18.60 -6.80
C PHE B 62 23.39 19.91 -6.11
N CYS B 63 22.23 19.92 -5.46
CA CYS B 63 21.81 21.08 -4.66
C CYS B 63 22.83 21.46 -3.59
N ARG B 64 23.24 20.48 -2.79
CA ARG B 64 24.19 20.75 -1.72
C ARG B 64 25.47 21.33 -2.28
N GLY B 65 25.92 20.77 -3.40
CA GLY B 65 27.13 21.25 -4.06
C GLY B 65 27.02 22.72 -4.44
N ILE B 66 25.88 23.10 -5.02
CA ILE B 66 25.62 24.50 -5.34
C ILE B 66 25.51 25.33 -4.06
N GLY B 67 24.95 24.71 -3.03
CA GLY B 67 24.76 25.43 -1.78
C GLY B 67 23.33 25.89 -1.60
N THR B 68 22.42 25.33 -2.38
CA THR B 68 21.03 25.69 -2.27
C THR B 68 20.22 24.60 -1.58
N ASP B 69 19.13 24.99 -0.94
CA ASP B 69 18.35 24.04 -0.14
C ASP B 69 17.45 23.21 -1.05
N PRO B 70 17.65 21.87 -1.08
CA PRO B 70 16.88 21.06 -2.03
C PRO B 70 15.40 21.06 -1.68
N TYR B 71 15.10 21.08 -0.38
CA TYR B 71 13.70 21.09 0.05
C TYR B 71 12.98 22.37 -0.35
N ALA B 72 13.68 23.50 -0.23
CA ALA B 72 13.13 24.80 -0.62
C ALA B 72 12.97 24.88 -2.13
N LEU B 73 13.92 24.33 -2.86
CA LEU B 73 13.85 24.34 -4.33
C LEU B 73 12.66 23.52 -4.80
N LEU B 74 12.51 22.31 -4.24
CA LEU B 74 11.35 21.48 -4.56
C LEU B 74 10.05 22.22 -4.25
N SER B 75 10.01 22.93 -3.13
CA SER B 75 8.81 23.70 -2.79
C SER B 75 8.51 24.76 -3.84
N LYS B 76 9.53 25.51 -4.23
CA LYS B 76 9.41 26.52 -5.27
C LYS B 76 8.86 25.91 -6.55
N LEU B 77 9.42 24.78 -6.97
CA LEU B 77 8.96 24.09 -8.17
C LEU B 77 7.51 23.70 -8.03
N GLU B 78 7.18 23.02 -6.94
N GLU B 78 7.19 23.01 -6.93
CA GLU B 78 5.80 22.65 -6.70
CA GLU B 78 5.88 22.42 -6.73
C GLU B 78 4.91 23.90 -6.70
C GLU B 78 4.74 23.46 -6.74
N ALA B 79 5.48 25.05 -6.35
N ALA B 79 5.04 24.66 -6.25
CA ALA B 79 4.74 26.31 -6.37
CA ALA B 79 4.04 25.71 -6.12
C ALA B 79 4.47 26.80 -7.80
C ALA B 79 3.71 26.36 -7.47
N THR B 81 3.16 25.46 -10.06
N THR B 81 2.20 24.51 -10.05
CA THR B 81 1.84 25.00 -10.52
CA THR B 81 0.97 23.88 -10.48
C THR B 81 0.81 25.06 -9.41
C THR B 81 0.00 23.84 -9.32
N PRO B 82 0.02 26.15 -9.37
N PRO B 82 -0.40 25.00 -8.79
CA PRO B 82 -0.98 26.31 -8.31
CA PRO B 82 -1.15 25.12 -7.53
C PRO B 82 -1.94 25.13 -8.25
C PRO B 82 -2.37 24.20 -7.50
N SER B 83 -2.38 24.66 -9.41
CA SER B 83 -3.30 23.52 -9.46
C SER B 83 -2.58 22.26 -9.90
N ASN C 2 -9.09 -5.94 -6.05
CA ASN C 2 -9.15 -4.66 -5.37
C ASN C 2 -9.91 -4.74 -4.05
N ALA C 3 -11.15 -5.23 -4.10
CA ALA C 3 -12.00 -5.30 -2.92
C ALA C 3 -11.46 -6.24 -1.84
N THR C 4 -10.92 -7.38 -2.27
CA THR C 4 -10.34 -8.34 -1.33
C THR C 4 -9.25 -7.68 -0.50
N LYS C 5 -8.66 -6.62 -1.04
CA LYS C 5 -7.57 -5.92 -0.37
C LYS C 5 -8.06 -4.84 0.59
N THR C 6 -9.06 -4.07 0.18
CA THR C 6 -9.60 -3.02 1.03
C THR C 6 -10.09 -3.62 2.36
N ILE C 7 -10.60 -4.84 2.29
CA ILE C 7 -10.98 -5.55 3.50
C ILE C 7 -9.72 -5.95 4.25
N HIS C 8 -8.71 -6.44 3.54
CA HIS C 8 -7.45 -6.81 4.18
C HIS C 8 -6.91 -5.68 5.06
N ASN C 9 -6.90 -4.47 4.51
CA ASN C 9 -6.30 -3.33 5.20
C ASN C 9 -7.03 -2.97 6.48
N ALA C 10 -8.34 -3.12 6.49
CA ALA C 10 -9.11 -2.85 7.70
C ALA C 10 -8.88 -3.94 8.74
N ARG C 11 -8.76 -5.18 8.29
CA ARG C 11 -8.52 -6.30 9.20
C ARG C 11 -7.14 -6.09 9.85
N TYR C 12 -6.23 -5.50 9.08
CA TYR C 12 -4.87 -5.31 9.56
C TYR C 12 -4.86 -4.18 10.58
N GLN C 13 -5.59 -3.11 10.29
CA GLN C 13 -5.66 -2.00 11.21
C GLN C 13 -6.28 -2.43 12.53
N ALA C 14 -7.23 -3.37 12.45
CA ALA C 14 -7.89 -3.88 13.64
C ALA C 14 -6.88 -4.66 14.49
N LEU C 15 -6.03 -5.43 13.82
CA LEU C 15 -4.94 -6.14 14.49
C LEU C 15 -4.06 -5.18 15.26
N LEU C 16 -3.66 -4.09 14.61
CA LEU C 16 -2.84 -3.06 15.25
C LEU C 16 -3.54 -2.44 16.45
N ASP C 17 -4.85 -2.26 16.36
CA ASP C 17 -5.57 -1.68 17.49
C ASP C 17 -5.58 -2.66 18.67
N LEU C 18 -5.70 -3.95 18.36
CA LEU C 18 -5.65 -4.97 19.38
C LEU C 18 -4.27 -5.02 20.02
N LEU C 19 -3.24 -4.84 19.20
CA LEU C 19 -1.86 -4.87 19.69
C LEU C 19 -1.54 -3.66 20.57
N LEU C 20 -2.03 -2.50 20.16
CA LEU C 20 -1.81 -1.29 20.94
C LEU C 20 -2.44 -1.43 22.32
N GLU C 21 -3.62 -2.05 22.35
CA GLU C 21 -4.33 -2.26 23.61
C GLU C 21 -3.53 -3.20 24.50
N ALA C 22 -2.95 -4.23 23.88
CA ALA C 22 -2.18 -5.21 24.63
C ALA C 22 -0.93 -4.57 25.20
N ARG C 23 -0.31 -3.66 24.44
CA ARG C 23 0.85 -2.94 24.96
C ARG C 23 0.47 -2.06 26.14
N SER C 24 -0.58 -1.28 25.99
CA SER C 24 -1.03 -0.40 27.07
C SER C 24 -1.45 -1.21 28.29
N ALA C 25 -1.83 -2.46 28.06
CA ALA C 25 -2.21 -3.37 29.14
C ALA C 25 -0.98 -3.86 29.89
N ALA C 26 0.13 -3.96 29.17
CA ALA C 26 1.39 -4.39 29.76
C ALA C 26 2.02 -3.22 30.50
N GLY C 27 1.66 -2.01 30.11
CA GLY C 27 2.17 -0.82 30.74
C GLY C 27 3.61 -0.52 30.37
N ILE C 28 4.01 -0.89 29.16
CA ILE C 28 5.36 -0.60 28.68
C ILE C 28 5.38 0.37 27.51
N THR C 29 6.48 1.10 27.36
CA THR C 29 6.63 2.10 26.32
C THR C 29 7.07 1.45 25.00
N GLN C 30 7.08 2.25 23.94
CA GLN C 30 7.61 1.82 22.66
C GLN C 30 9.08 1.46 22.81
N LYS C 31 9.83 2.28 23.54
CA LYS C 31 11.26 2.02 23.68
C LYS C 31 11.52 0.73 24.45
N GLU C 32 10.65 0.46 25.41
CA GLU C 32 10.80 -0.73 26.24
C GLU C 32 10.51 -1.98 25.43
N LEU C 33 9.44 -1.92 24.63
CA LEU C 33 9.11 -3.04 23.77
C LEU C 33 10.22 -3.28 22.75
N ALA C 34 10.78 -2.20 22.23
CA ALA C 34 11.85 -2.33 21.26
C ALA C 34 13.07 -3.04 21.88
N ALA C 35 13.39 -2.68 23.11
CA ALA C 35 14.49 -3.34 23.82
C ALA C 35 14.17 -4.82 24.02
N ARG C 36 12.91 -5.11 24.31
CA ARG C 36 12.53 -6.51 24.48
C ARG C 36 12.65 -7.31 23.19
N LEU C 37 12.45 -6.66 22.06
CA LEU C 37 12.55 -7.31 20.75
C LEU C 37 13.97 -7.32 20.20
N GLY C 38 14.85 -6.50 20.76
CA GLY C 38 16.21 -6.39 20.25
C GLY C 38 16.23 -5.62 18.93
N ARG C 39 15.29 -4.69 18.79
CA ARG C 39 15.18 -3.92 17.58
C ARG C 39 15.17 -2.43 17.88
N PRO C 40 15.35 -1.60 16.85
CA PRO C 40 15.31 -0.15 17.01
C PRO C 40 13.91 0.29 17.41
N GLN C 41 13.81 1.40 18.16
CA GLN C 41 12.49 1.93 18.49
C GLN C 41 11.65 2.17 17.23
N SER C 42 12.31 2.60 16.16
CA SER C 42 11.61 2.88 14.91
C SER C 42 10.79 1.68 14.42
N PHE C 43 11.27 0.47 14.68
CA PHE C 43 10.51 -0.73 14.33
C PHE C 43 9.17 -0.72 15.05
N VAL C 44 9.21 -0.40 16.34
CA VAL C 44 7.98 -0.37 17.12
C VAL C 44 7.02 0.77 16.71
N SER C 45 7.57 1.96 16.51
CA SER C 45 6.72 3.11 16.18
C SER C 45 6.14 2.99 14.78
N LYS C 46 6.96 2.54 13.83
CA LYS C 46 6.46 2.33 12.49
C LYS C 46 5.43 1.20 12.44
N THR C 47 5.62 0.17 13.26
CA THR C 47 4.62 -0.89 13.31
C THR C 47 3.27 -0.35 13.77
N GLU C 48 3.26 0.39 14.87
CA GLU C 48 2.00 0.86 15.48
C GLU C 48 1.34 1.95 14.63
N ASN C 49 2.16 2.68 13.88
CA ASN C 49 1.68 3.73 12.99
C ASN C 49 1.30 3.23 11.60
N ALA C 50 1.45 1.92 11.39
CA ALA C 50 1.11 1.31 10.11
C ALA C 50 2.03 1.77 8.99
N GLU C 51 3.25 2.18 9.35
CA GLU C 51 4.23 2.60 8.35
C GLU C 51 5.24 1.50 8.00
N ARG C 52 5.13 0.38 8.70
CA ARG C 52 5.90 -0.82 8.37
C ARG C 52 4.98 -2.00 8.65
N ARG C 53 4.78 -2.83 7.64
CA ARG C 53 3.90 -4.00 7.77
C ARG C 53 4.60 -5.15 8.49
N LEU C 54 3.92 -5.72 9.48
CA LEU C 54 4.43 -6.90 10.18
C LEU C 54 4.25 -8.15 9.34
N ASP C 55 5.31 -8.93 9.16
CA ASP C 55 5.08 -10.25 8.57
C ASP C 55 4.63 -11.19 9.68
N VAL C 56 4.25 -12.40 9.31
CA VAL C 56 3.62 -13.27 10.30
C VAL C 56 4.55 -13.63 11.47
N ILE C 57 5.83 -13.87 11.18
CA ILE C 57 6.80 -14.14 12.24
C ILE C 57 6.97 -12.93 13.15
N GLU C 58 7.14 -11.76 12.55
CA GLU C 58 7.31 -10.54 13.33
C GLU C 58 6.12 -10.30 14.25
N PHE C 59 4.92 -10.66 13.78
CA PHE C 59 3.72 -10.49 14.58
C PHE C 59 3.80 -11.35 15.86
N ASP C 61 6.47 -12.51 17.35
CA ASP C 61 7.51 -11.93 18.21
C ASP C 61 6.99 -10.69 18.92
N PHE C 62 6.23 -9.86 18.20
CA PHE C 62 5.68 -8.62 18.75
C PHE C 62 4.79 -8.98 19.95
N CYS C 63 3.94 -9.98 19.77
CA CYS C 63 3.03 -10.42 20.83
C CYS C 63 3.81 -10.95 22.03
N ARG C 64 4.70 -11.91 21.79
CA ARG C 64 5.45 -12.52 22.89
C ARG C 64 6.28 -11.46 23.60
N GLY C 65 6.71 -10.47 22.85
CA GLY C 65 7.48 -9.38 23.41
C GLY C 65 6.62 -8.49 24.29
N ILE C 66 5.36 -8.31 23.90
CA ILE C 66 4.41 -7.55 24.72
C ILE C 66 3.95 -8.41 25.90
N GLY C 67 3.95 -9.72 25.71
CA GLY C 67 3.48 -10.64 26.73
C GLY C 67 2.01 -10.95 26.56
N THR C 68 1.50 -10.73 25.35
CA THR C 68 0.11 -11.06 25.06
C THR C 68 0.03 -12.36 24.25
N ASP C 69 -1.09 -13.05 24.35
CA ASP C 69 -1.25 -14.33 23.65
C ASP C 69 -1.65 -14.10 22.19
N PRO C 70 -0.77 -14.46 21.24
CA PRO C 70 -1.02 -14.21 19.82
C PRO C 70 -2.25 -14.96 19.31
N TYR C 71 -2.40 -16.21 19.72
CA TYR C 71 -3.49 -17.06 19.28
C TYR C 71 -4.83 -16.52 19.75
N ALA C 72 -4.83 -15.96 20.96
CA ALA C 72 -6.02 -15.36 21.52
C ALA C 72 -6.36 -14.06 20.79
N LEU C 73 -5.31 -13.35 20.36
CA LEU C 73 -5.50 -12.07 19.70
C LEU C 73 -6.11 -12.29 18.33
N LEU C 74 -5.61 -13.30 17.61
CA LEU C 74 -6.10 -13.59 16.27
C LEU C 74 -7.55 -14.06 16.33
N SER C 75 -7.90 -14.74 17.41
CA SER C 75 -9.25 -15.24 17.59
C SER C 75 -10.21 -14.08 17.85
N LYS C 76 -9.80 -13.17 18.72
CA LYS C 76 -10.57 -11.96 18.96
C LYS C 76 -10.82 -11.24 17.64
N LEU C 77 -9.78 -11.10 16.85
CA LEU C 77 -9.87 -10.40 15.56
C LEU C 77 -10.87 -11.08 14.62
N GLU C 78 -10.71 -12.38 14.42
CA GLU C 78 -11.61 -13.14 13.55
C GLU C 78 -13.05 -13.07 14.05
N ALA C 79 -13.22 -12.84 15.35
N ALA C 79 -13.22 -12.83 15.35
CA ALA C 79 -14.55 -12.74 15.94
CA ALA C 79 -14.54 -12.72 15.95
C ALA C 79 -15.31 -11.51 15.46
C ALA C 79 -15.24 -11.43 15.53
N THR C 81 -15.62 -10.49 12.59
N THR C 81 -15.55 -10.12 12.89
CA THR C 81 -16.29 -10.78 11.33
CA THR C 81 -16.27 -10.30 11.64
C THR C 81 -17.15 -12.03 11.47
C THR C 81 -17.04 -11.62 11.64
N PRO C 82 -18.35 -11.88 12.05
N PRO C 82 -18.25 -11.60 12.24
CA PRO C 82 -19.27 -13.01 12.21
CA PRO C 82 -19.10 -12.80 12.33
C PRO C 82 -19.47 -13.73 10.88
C PRO C 82 -19.25 -13.49 10.97
N SER C 83 -19.46 -12.97 9.80
N SER C 83 -19.23 -12.71 9.89
CA SER C 83 -19.63 -13.52 8.47
CA SER C 83 -19.35 -13.27 8.55
C SER C 83 -18.59 -13.00 7.48
C SER C 83 -18.31 -12.69 7.59
N SER D 1 25.04 -7.30 16.57
CA SER D 1 25.15 -8.16 15.39
C SER D 1 23.85 -8.19 14.59
N ASN D 2 23.78 -9.02 13.56
CA ASN D 2 22.59 -9.12 12.72
C ASN D 2 21.70 -10.30 13.10
N ALA D 3 21.92 -10.85 14.28
CA ALA D 3 21.30 -12.12 14.62
C ALA D 3 19.77 -12.08 14.65
N THR D 4 19.22 -10.96 15.11
CA THR D 4 17.77 -10.89 15.27
C THR D 4 17.09 -11.13 13.93
N LYS D 5 17.52 -10.42 12.89
CA LYS D 5 16.94 -10.61 11.57
C LYS D 5 17.37 -11.91 10.91
N THR D 6 18.61 -12.34 11.14
CA THR D 6 19.10 -13.63 10.66
C THR D 6 18.13 -14.74 11.01
N ILE D 7 17.78 -14.78 12.28
CA ILE D 7 16.98 -15.86 12.82
C ILE D 7 15.54 -15.66 12.34
N HIS D 8 15.06 -14.43 12.37
CA HIS D 8 13.73 -14.15 11.83
C HIS D 8 13.61 -14.67 10.39
N ASN D 9 14.59 -14.36 9.55
CA ASN D 9 14.50 -14.72 8.13
C ASN D 9 14.41 -16.22 7.94
N ALA D 10 15.12 -16.97 8.79
CA ALA D 10 15.10 -18.42 8.71
C ALA D 10 13.76 -18.97 9.18
N ARG D 11 13.20 -18.38 10.24
CA ARG D 11 11.90 -18.82 10.71
C ARG D 11 10.82 -18.50 9.67
N TYR D 12 10.96 -17.36 9.00
CA TYR D 12 10.04 -17.02 7.92
C TYR D 12 10.20 -18.03 6.77
N GLN D 13 11.44 -18.32 6.39
CA GLN D 13 11.66 -19.28 5.32
C GLN D 13 11.11 -20.65 5.68
N ALA D 14 11.26 -21.03 6.93
CA ALA D 14 10.74 -22.32 7.42
C ALA D 14 9.23 -22.39 7.26
N LEU D 15 8.56 -21.30 7.58
CA LEU D 15 7.10 -21.22 7.44
C LEU D 15 6.70 -21.37 5.97
N LEU D 16 7.45 -20.73 5.07
CA LEU D 16 7.20 -20.88 3.64
C LEU D 16 7.38 -22.32 3.17
N ASP D 17 8.42 -22.98 3.67
CA ASP D 17 8.64 -24.38 3.38
C ASP D 17 7.45 -25.22 3.85
N LEU D 18 6.98 -24.94 5.05
CA LEU D 18 5.82 -25.62 5.60
C LEU D 18 4.57 -25.40 4.76
N LEU D 19 4.40 -24.18 4.25
CA LEU D 19 3.23 -23.85 3.43
C LEU D 19 3.29 -24.49 2.05
N LEU D 20 4.49 -24.60 1.50
CA LEU D 20 4.65 -25.25 0.20
C LEU D 20 4.34 -26.73 0.36
N GLU D 21 4.90 -27.33 1.40
CA GLU D 21 4.63 -28.72 1.74
C GLU D 21 3.12 -28.97 1.81
N ALA D 22 2.42 -28.06 2.49
CA ALA D 22 1.00 -28.25 2.70
C ALA D 22 0.22 -28.10 1.39
N ARG D 23 0.55 -27.08 0.60
CA ARG D 23 -0.13 -26.88 -0.67
C ARG D 23 0.02 -28.10 -1.57
N SER D 24 1.25 -28.60 -1.69
CA SER D 24 1.52 -29.78 -2.50
C SER D 24 0.71 -30.96 -1.99
N ALA D 25 0.68 -31.11 -0.67
CA ALA D 25 -0.09 -32.17 -0.04
C ALA D 25 -1.54 -32.13 -0.50
N ALA D 26 -2.16 -30.95 -0.39
CA ALA D 26 -3.56 -30.77 -0.72
C ALA D 26 -3.83 -30.88 -2.22
N GLY D 27 -2.75 -30.96 -2.99
CA GLY D 27 -2.84 -31.22 -4.42
C GLY D 27 -3.43 -30.11 -5.28
N ILE D 28 -3.23 -28.87 -4.87
CA ILE D 28 -3.75 -27.75 -5.67
C ILE D 28 -2.63 -26.84 -6.17
N THR D 29 -2.79 -26.35 -7.40
CA THR D 29 -1.76 -25.55 -8.04
C THR D 29 -1.75 -24.12 -7.54
N GLN D 30 -0.72 -23.37 -7.92
CA GLN D 30 -0.68 -21.94 -7.61
C GLN D 30 -1.93 -21.28 -8.17
N LYS D 31 -2.17 -21.45 -9.47
CA LYS D 31 -3.36 -20.91 -10.11
C LYS D 31 -4.63 -21.22 -9.31
N GLU D 32 -4.79 -22.48 -8.91
CA GLU D 32 -5.97 -22.88 -8.16
C GLU D 32 -6.08 -22.15 -6.82
N LEU D 33 -4.97 -22.05 -6.09
CA LEU D 33 -4.98 -21.30 -4.84
C LEU D 33 -5.26 -19.84 -5.13
N ALA D 34 -4.57 -19.30 -6.12
CA ALA D 34 -4.78 -17.92 -6.53
C ALA D 34 -6.27 -17.65 -6.73
N ALA D 35 -6.90 -18.50 -7.55
CA ALA D 35 -8.34 -18.39 -7.78
C ALA D 35 -9.11 -18.35 -6.47
N ARG D 36 -8.79 -19.27 -5.57
N ARG D 36 -8.78 -19.25 -5.55
CA ARG D 36 -9.43 -19.33 -4.26
CA ARG D 36 -9.46 -19.32 -4.27
C ARG D 36 -9.30 -18.01 -3.51
C ARG D 36 -9.29 -18.04 -3.47
N LEU D 37 -8.10 -17.43 -3.60
CA LEU D 37 -7.80 -16.20 -2.86
C LEU D 37 -8.41 -14.99 -3.52
N GLY D 38 -8.84 -15.15 -4.77
CA GLY D 38 -9.35 -14.03 -5.53
C GLY D 38 -8.24 -13.03 -5.77
N ARG D 39 -7.07 -13.55 -6.12
CA ARG D 39 -5.91 -12.71 -6.38
C ARG D 39 -5.11 -13.30 -7.52
N PRO D 40 -4.24 -12.49 -8.15
CA PRO D 40 -3.39 -12.94 -9.26
C PRO D 40 -2.53 -14.12 -8.86
N GLN D 41 -2.27 -15.04 -9.79
CA GLN D 41 -1.34 -16.12 -9.52
C GLN D 41 -0.01 -15.56 -9.03
N SER D 42 0.37 -14.40 -9.56
CA SER D 42 1.62 -13.76 -9.20
C SER D 42 1.71 -13.55 -7.69
N PHE D 43 0.57 -13.33 -7.06
CA PHE D 43 0.55 -13.20 -5.61
C PHE D 43 1.08 -14.46 -4.95
N VAL D 44 0.60 -15.62 -5.41
CA VAL D 44 0.99 -16.91 -4.84
C VAL D 44 2.46 -17.21 -5.10
N SER D 45 2.88 -17.04 -6.34
CA SER D 45 4.26 -17.31 -6.71
C SER D 45 5.23 -16.39 -5.97
N LYS D 46 4.90 -15.10 -5.89
CA LYS D 46 5.77 -14.13 -5.21
C LYS D 46 5.88 -14.47 -3.72
N THR D 47 4.78 -14.96 -3.16
CA THR D 47 4.75 -15.36 -1.76
C THR D 47 5.65 -16.58 -1.53
N GLU D 48 5.47 -17.61 -2.34
CA GLU D 48 6.27 -18.83 -2.19
C GLU D 48 7.73 -18.61 -2.56
N ASN D 49 8.00 -17.60 -3.39
CA ASN D 49 9.37 -17.27 -3.79
C ASN D 49 10.04 -16.29 -2.84
N ALA D 50 9.36 -15.95 -1.75
CA ALA D 50 9.89 -14.99 -0.78
C ALA D 50 10.22 -13.65 -1.46
N GLU D 51 9.38 -13.26 -2.41
CA GLU D 51 9.55 -11.99 -3.10
C GLU D 51 8.47 -10.99 -2.71
N ARG D 52 7.56 -11.43 -1.84
CA ARG D 52 6.54 -10.57 -1.27
C ARG D 52 6.26 -11.05 0.15
N ARG D 53 6.24 -10.14 1.11
N ARG D 53 6.20 -10.11 1.08
CA ARG D 53 6.11 -10.55 2.51
CA ARG D 53 5.97 -10.41 2.48
C ARG D 53 4.66 -10.76 2.94
C ARG D 53 4.54 -10.86 2.77
N LEU D 54 4.41 -11.91 3.56
CA LEU D 54 3.09 -12.30 4.05
CA LEU D 54 3.10 -12.33 4.04
C LEU D 54 2.85 -11.80 5.46
N ASP D 55 1.78 -11.05 5.65
CA ASP D 55 1.38 -10.69 7.02
C ASP D 55 0.46 -11.77 7.58
N VAL D 56 0.14 -11.70 8.86
CA VAL D 56 -0.61 -12.79 9.50
C VAL D 56 -2.05 -12.88 8.97
N ILE D 57 -2.65 -11.74 8.61
CA ILE D 57 -3.98 -11.73 8.00
C ILE D 57 -3.93 -12.52 6.70
N GLU D 58 -2.99 -12.15 5.84
CA GLU D 58 -2.76 -12.84 4.57
C GLU D 58 -2.41 -14.31 4.78
N PHE D 59 -1.67 -14.59 5.86
CA PHE D 59 -1.28 -15.96 6.19
C PHE D 59 -2.50 -16.80 6.50
N ASP D 61 -5.55 -16.41 5.53
CA ASP D 61 -6.27 -16.64 4.28
C ASP D 61 -5.58 -17.68 3.42
N PHE D 62 -4.26 -17.53 3.26
CA PHE D 62 -3.47 -18.45 2.47
C PHE D 62 -3.67 -19.87 3.00
N CYS D 63 -3.69 -19.99 4.32
CA CYS D 63 -3.91 -21.28 5.00
C CYS D 63 -5.31 -21.83 4.70
N ARG D 64 -6.32 -21.03 4.98
CA ARG D 64 -7.69 -21.42 4.66
C ARG D 64 -7.79 -21.80 3.20
N GLY D 65 -7.01 -21.13 2.36
CA GLY D 65 -7.01 -21.39 0.93
C GLY D 65 -6.59 -22.81 0.62
N ILE D 66 -5.69 -23.37 1.43
CA ILE D 66 -5.19 -24.71 1.16
C ILE D 66 -5.79 -25.77 2.10
N GLY D 67 -6.69 -25.34 2.97
CA GLY D 67 -7.31 -26.25 3.93
C GLY D 67 -6.46 -26.54 5.15
N THR D 68 -5.50 -25.65 5.41
CA THR D 68 -4.62 -25.79 6.57
C THR D 68 -5.12 -24.96 7.74
N ASP D 69 -5.05 -25.51 8.94
CA ASP D 69 -5.39 -24.75 10.14
C ASP D 69 -4.22 -23.84 10.49
N PRO D 70 -4.39 -22.52 10.29
CA PRO D 70 -3.32 -21.54 10.52
C PRO D 70 -2.89 -21.50 11.98
N TYR D 71 -3.86 -21.68 12.88
CA TYR D 71 -3.55 -21.71 14.31
C TYR D 71 -2.64 -22.89 14.64
N ALA D 72 -2.89 -24.02 14.00
CA ALA D 72 -2.11 -25.22 14.24
C ALA D 72 -0.74 -25.10 13.58
N LEU D 73 -0.69 -24.44 12.43
CA LEU D 73 0.58 -24.32 11.70
C LEU D 73 1.54 -23.41 12.46
N LEU D 74 1.02 -22.30 12.98
CA LEU D 74 1.82 -21.40 13.81
C LEU D 74 2.33 -22.09 15.08
N SER D 75 1.50 -22.92 15.69
CA SER D 75 1.89 -23.66 16.89
CA SER D 75 1.89 -23.65 16.89
C SER D 75 3.06 -24.61 16.59
N LYS D 76 3.00 -25.24 15.43
CA LYS D 76 4.04 -26.19 15.02
C LYS D 76 5.35 -25.46 14.82
N LEU D 77 5.26 -24.32 14.14
CA LEU D 77 6.44 -23.50 13.91
C LEU D 77 7.04 -23.00 15.22
N GLU D 78 6.19 -22.45 16.10
CA GLU D 78 6.68 -21.91 17.37
C GLU D 78 7.43 -22.96 18.17
N ALA D 79 6.97 -24.21 18.06
CA ALA D 79 7.54 -25.31 18.83
C ALA D 79 8.94 -25.64 18.33
N THR D 81 11.33 -23.44 18.10
CA THR D 81 12.29 -22.66 18.90
C THR D 81 11.84 -22.70 20.37
N PRO D 82 12.77 -22.36 21.29
N PRO D 82 12.77 -22.37 21.30
CA PRO D 82 12.45 -22.34 22.72
CA PRO D 82 12.41 -22.37 22.72
C PRO D 82 11.29 -21.41 23.04
C PRO D 82 11.51 -21.20 23.10
N ALA E 3 -13.30 -1.53 16.70
N ALA E 3 -13.72 -1.59 17.56
CA ALA E 3 -12.85 -1.85 15.35
CA ALA E 3 -13.18 -1.35 16.22
C ALA E 3 -13.86 -2.73 14.62
C ALA E 3 -14.07 -1.95 15.14
N THR E 4 -14.98 -3.02 15.28
N THR E 4 -14.98 -2.83 15.55
CA THR E 4 -16.06 -3.75 14.64
CA THR E 4 -15.86 -3.52 14.61
C THR E 4 -16.59 -2.92 13.48
C THR E 4 -16.49 -2.59 13.57
N LYS E 5 -16.61 -1.60 13.66
N LYS E 5 -16.66 -1.32 13.93
CA LYS E 5 -17.08 -0.69 12.63
CA LYS E 5 -17.21 -0.34 13.00
C LYS E 5 -16.06 -0.53 11.51
C LYS E 5 -16.25 -0.09 11.83
N THR E 6 -14.78 -0.69 11.85
N THR E 6 -14.97 0.06 12.15
CA THR E 6 -13.71 -0.53 10.88
CA THR E 6 -13.95 0.29 11.13
C THR E 6 -13.75 -1.64 9.83
C THR E 6 -14.06 -0.75 10.01
N ILE E 7 -13.93 -2.87 10.28
N ILE E 7 -14.01 -2.02 10.37
CA ILE E 7 -13.99 -3.99 9.35
CA ILE E 7 -14.07 -3.10 9.40
C ILE E 7 -15.32 -3.98 8.59
C ILE E 7 -15.43 -3.09 8.71
N HIS E 8 -16.37 -3.50 9.26
N HIS E 8 -16.48 -2.90 9.48
CA HIS E 8 -17.66 -3.30 8.59
CA HIS E 8 -17.82 -2.78 8.93
C HIS E 8 -17.55 -2.25 7.49
C HIS E 8 -17.82 -1.84 7.72
N ASN E 9 -16.93 -1.12 7.81
N ASN E 9 -17.17 -0.69 7.90
CA ASN E 9 -16.81 -0.01 6.85
CA ASN E 9 -17.12 0.33 6.83
C ASN E 9 -16.04 -0.39 5.59
C ASN E 9 -16.34 -0.10 5.60
N ALA E 10 -14.87 -1.00 5.77
N ALA E 10 -15.62 -1.22 5.71
CA ALA E 10 -14.13 -1.53 4.63
CA ALA E 10 -14.75 -1.67 4.62
C ALA E 10 -15.01 -2.51 3.87
C ALA E 10 -15.43 -2.64 3.65
N ARG E 11 -15.71 -3.37 4.61
N ARG E 11 -15.89 -3.77 4.17
CA ARG E 11 -16.65 -4.28 3.99
CA ARG E 11 -16.57 -4.78 3.36
C ARG E 11 -17.73 -3.47 3.28
C ARG E 11 -17.70 -4.16 2.56
N TYR E 12 -18.17 -2.39 3.93
N TYR E 12 -18.23 -3.05 3.07
CA TYR E 12 -19.25 -1.56 3.40
CA TYR E 12 -19.31 -2.33 2.40
C TYR E 12 -18.85 -0.89 2.09
C TYR E 12 -18.77 -1.65 1.16
N GLN E 13 -17.78 -0.09 2.12
N GLN E 13 -17.52 -1.19 1.23
CA GLN E 13 -17.29 0.54 0.90
CA GLN E 13 -16.86 -0.63 0.06
C GLN E 13 -16.97 -0.51 -0.16
C GLN E 13 -16.65 -1.70 -0.99
N ALA E 14 -16.29 -1.59 0.25
N ALA E 14 -16.15 -2.86 -0.57
CA ALA E 14 -15.94 -2.66 -0.67
CA ALA E 14 -16.03 -3.99 -1.48
C ALA E 14 -17.16 -3.11 -1.46
C ALA E 14 -17.38 -4.22 -2.16
N LEU E 15 -18.23 -3.44 -0.76
N LEU E 15 -18.44 -3.89 -1.43
CA LEU E 15 -19.46 -3.92 -1.37
CA LEU E 15 -19.79 -3.96 -1.97
C LEU E 15 -19.84 -3.13 -2.62
C LEU E 15 -20.10 -2.72 -2.82
N LEU E 16 -19.79 -1.81 -2.53
N LEU E 16 -19.89 -1.54 -2.26
CA LEU E 16 -20.13 -0.95 -3.65
CA LEU E 16 -20.05 -0.29 -2.99
C LEU E 16 -19.23 -1.23 -4.85
C LEU E 16 -19.20 -0.28 -4.25
N ASP E 17 -17.96 -1.50 -4.57
N ASP E 17 -18.18 -1.13 -4.29
CA ASP E 17 -17.00 -1.82 -5.62
CA ASP E 17 -17.29 -1.20 -5.45
C ASP E 17 -17.55 -2.90 -6.54
C ASP E 17 -17.74 -2.29 -6.42
N LEU E 18 -18.20 -3.90 -5.96
N LEU E 18 -18.06 -3.46 -5.90
CA LEU E 18 -18.81 -4.96 -6.74
CA LEU E 18 -18.56 -4.55 -6.75
C LEU E 18 -20.08 -4.48 -7.45
C LEU E 18 -19.74 -4.06 -7.58
N LEU E 19 -20.69 -3.43 -6.90
CA LEU E 19 -21.87 -2.84 -7.54
C LEU E 19 -21.47 -1.86 -8.63
N LEU E 20 -20.50 -0.99 -8.32
CA LEU E 20 -20.00 -0.02 -9.28
C LEU E 20 -19.52 -0.70 -10.55
N GLU E 21 -18.89 -1.85 -10.39
CA GLU E 21 -18.39 -2.62 -11.53
C GLU E 21 -19.49 -3.48 -12.13
N ALA E 22 -20.57 -3.65 -11.38
CA ALA E 22 -21.72 -4.40 -11.87
C ALA E 22 -22.50 -3.54 -12.86
N ARG E 23 -22.62 -2.26 -12.55
CA ARG E 23 -23.32 -1.32 -13.42
C ARG E 23 -22.47 -0.97 -14.64
N SER E 24 -21.21 -0.64 -14.41
CA SER E 24 -20.29 -0.28 -15.48
C SER E 24 -20.24 -1.39 -16.52
N ALA E 25 -20.54 -2.61 -16.10
CA ALA E 25 -20.59 -3.75 -17.01
C ALA E 25 -21.95 -3.84 -17.70
N ALA E 26 -22.99 -3.44 -16.99
CA ALA E 26 -24.35 -3.42 -17.55
C ALA E 26 -24.47 -2.36 -18.64
N GLY E 27 -23.46 -1.50 -18.73
CA GLY E 27 -23.43 -0.46 -19.74
C GLY E 27 -24.43 0.65 -19.49
N ILE E 28 -25.12 0.58 -18.36
CA ILE E 28 -26.13 1.58 -18.03
C ILE E 28 -25.56 2.72 -17.20
N THR E 29 -26.25 3.86 -17.25
CA THR E 29 -25.81 5.06 -16.55
C THR E 29 -26.51 5.19 -15.21
N GLN E 30 -26.24 6.29 -14.51
CA GLN E 30 -26.91 6.58 -13.25
C GLN E 30 -28.36 6.99 -13.50
N LYS E 31 -28.54 7.96 -14.38
CA LYS E 31 -29.88 8.43 -14.72
C LYS E 31 -30.78 7.26 -15.08
N GLU E 32 -30.26 6.32 -15.86
CA GLU E 32 -31.03 5.16 -16.25
C GLU E 32 -31.38 4.30 -15.04
N LEU E 33 -30.36 3.98 -14.25
CA LEU E 33 -30.55 3.15 -13.06
C LEU E 33 -31.62 3.75 -12.15
N ALA E 34 -31.47 5.04 -11.84
CA ALA E 34 -32.45 5.73 -11.01
C ALA E 34 -33.87 5.50 -11.52
N ALA E 35 -34.08 5.75 -12.80
CA ALA E 35 -35.41 5.60 -13.40
C ALA E 35 -35.92 4.17 -13.29
N ARG E 36 -35.05 3.20 -13.54
CA ARG E 36 -35.40 1.79 -13.43
C ARG E 36 -35.83 1.49 -11.99
N LEU E 37 -35.24 2.20 -11.04
N LEU E 37 -35.23 2.19 -11.04
CA LEU E 37 -35.57 2.02 -9.64
CA LEU E 37 -35.51 1.96 -9.63
C LEU E 37 -36.76 2.89 -9.24
C LEU E 37 -36.76 2.71 -9.17
N GLY E 38 -37.12 3.83 -10.10
N GLY E 38 -37.05 3.81 -9.85
CA GLY E 38 -38.18 4.77 -9.81
CA GLY E 38 -38.24 4.59 -9.54
C GLY E 38 -37.74 5.78 -8.77
C GLY E 38 -38.06 5.55 -8.38
N ARG E 39 -36.46 6.13 -8.80
N ARG E 39 -36.91 6.21 -8.34
CA ARG E 39 -35.88 7.05 -7.82
CA ARG E 39 -36.63 7.17 -7.26
C ARG E 39 -35.09 8.14 -8.51
C ARG E 39 -35.65 8.25 -7.73
N PRO E 40 -34.79 9.23 -7.78
N PRO E 40 -35.49 9.32 -6.92
CA PRO E 40 -33.97 10.33 -8.30
CA PRO E 40 -34.66 10.49 -7.22
C PRO E 40 -32.56 9.88 -8.66
C PRO E 40 -33.26 10.19 -7.78
N GLN E 41 -31.89 10.62 -9.52
N GLN E 41 -32.49 11.25 -7.99
CA GLN E 41 -30.52 10.31 -9.91
CA GLN E 41 -31.10 11.14 -8.40
C GLN E 41 -29.57 10.60 -8.74
C GLN E 41 -30.20 11.43 -7.20
N SER E 42 -30.06 11.37 -7.77
N SER E 42 -30.83 11.61 -6.04
CA SER E 42 -29.28 11.68 -6.58
CA SER E 42 -30.10 11.84 -4.80
C SER E 42 -29.10 10.44 -5.73
C SER E 42 -30.00 10.55 -4.00
N PHE E 43 -30.05 9.52 -5.84
N PHE E 43 -30.98 9.67 -4.19
CA PHE E 43 -30.01 8.27 -5.09
CA PHE E 43 -30.95 8.36 -3.55
C PHE E 43 -28.89 7.35 -5.57
C PHE E 43 -29.77 7.55 -4.08
N VAL E 44 -28.71 7.28 -6.89
N VAL E 44 -29.54 7.63 -5.38
CA VAL E 44 -27.69 6.40 -7.47
CA VAL E 44 -28.48 6.87 -6.02
C VAL E 44 -26.28 6.92 -7.23
C VAL E 44 -27.11 7.49 -5.77
N SER E 45 -26.02 8.15 -7.67
N SER E 45 -26.97 8.77 -6.10
CA SER E 45 -24.69 8.74 -7.50
CA SER E 45 -25.71 9.48 -5.90
C SER E 45 -24.25 8.67 -6.04
C SER E 45 -25.32 9.51 -4.43
N LYS E 46 -25.10 9.16 -5.15
N LYS E 46 -26.30 9.82 -3.58
CA LYS E 46 -24.82 9.15 -3.72
CA LYS E 46 -26.08 9.87 -2.14
C LYS E 46 -24.49 7.73 -3.24
C LYS E 46 -25.59 8.51 -1.64
N THR E 47 -25.15 6.74 -3.83
N THR E 47 -26.07 7.44 -2.26
CA THR E 47 -24.94 5.35 -3.45
CA THR E 47 -25.66 6.09 -1.90
C THR E 47 -23.56 4.84 -3.87
C THR E 47 -24.21 5.80 -2.31
N GLU E 48 -23.21 5.05 -5.14
N GLU E 48 -23.90 5.97 -3.59
CA GLU E 48 -21.98 4.51 -5.69
CA GLU E 48 -22.61 5.58 -4.15
C GLU E 48 -20.71 5.14 -5.13
C GLU E 48 -21.39 6.19 -3.44
N ASN E 49 -20.82 6.37 -4.64
N ASN E 49 -21.55 7.39 -2.89
CA ASN E 49 -19.70 7.08 -4.04
CA ASN E 49 -20.46 8.04 -2.17
C ASN E 49 -19.75 7.05 -2.51
C ASN E 49 -20.56 7.92 -0.65
N ALA E 50 -20.66 6.24 -1.97
N ALA E 50 -21.28 6.88 -0.21
CA ALA E 50 -20.77 6.05 -0.53
CA ALA E 50 -21.38 6.56 1.22
C ALA E 50 -21.27 7.29 0.22
C ALA E 50 -21.90 7.73 2.06
N GLU E 51 -22.13 8.06 -0.45
N GLU E 51 -22.54 8.71 1.41
CA GLU E 51 -22.77 9.22 0.20
CA GLU E 51 -23.17 9.81 2.11
C GLU E 51 -24.03 8.80 0.95
C GLU E 51 -24.51 9.33 2.64
N ARG E 52 -24.62 7.67 0.53
N ARG E 52 -25.05 8.30 2.00
CA ARG E 52 -25.84 7.18 1.15
CA ARG E 52 -26.31 7.69 2.41
C ARG E 52 -25.67 5.77 1.72
C ARG E 52 -26.10 6.19 2.55
N ARG E 53 -26.69 5.27 2.40
N ARG E 53 -26.70 5.62 3.59
CA ARG E 53 -26.60 3.98 3.07
CA ARG E 53 -26.52 4.20 3.87
C ARG E 53 -27.69 2.98 2.65
C ARG E 53 -27.60 3.34 3.20
N LEU E 54 -27.30 1.97 1.89
N LEU E 54 -27.18 2.23 2.61
CA LEU E 54 -28.21 0.93 1.42
CA LEU E 54 -28.11 1.30 1.96
C LEU E 54 -28.60 -0.08 2.50
C LEU E 54 -28.57 0.22 2.92
N ASP E 55 -29.86 -0.08 2.91
CA ASP E 55 -30.36 -1.19 3.72
C ASP E 55 -30.46 -2.40 2.81
N VAL E 56 -30.71 -3.57 3.39
CA VAL E 56 -30.69 -4.82 2.63
C VAL E 56 -31.70 -4.86 1.48
N ILE E 57 -32.91 -4.39 1.74
CA ILE E 57 -33.94 -4.40 0.70
C ILE E 57 -33.55 -3.49 -0.44
N GLU E 58 -33.13 -2.28 -0.09
CA GLU E 58 -32.66 -1.31 -1.08
C GLU E 58 -31.53 -1.93 -1.90
N PHE E 59 -30.59 -2.57 -1.22
CA PHE E 59 -29.51 -3.24 -1.91
C PHE E 59 -30.07 -4.22 -2.94
N ASP E 61 -32.98 -4.20 -4.40
CA ASP E 61 -33.59 -3.46 -5.49
C ASP E 61 -32.50 -2.88 -6.40
N PHE E 62 -31.47 -2.32 -5.78
CA PHE E 62 -30.35 -1.73 -6.51
C PHE E 62 -29.75 -2.76 -7.47
N CYS E 63 -29.50 -3.96 -6.96
CA CYS E 63 -28.97 -5.06 -7.77
C CYS E 63 -29.83 -5.33 -8.99
N ARG E 64 -31.14 -5.39 -8.79
N ARG E 64 -31.14 -5.40 -8.78
CA ARG E 64 -32.06 -5.68 -9.89
CA ARG E 64 -32.07 -5.67 -9.87
C ARG E 64 -32.12 -4.54 -10.90
C ARG E 64 -32.10 -4.55 -10.90
N GLY E 65 -32.00 -3.31 -10.42
CA GLY E 65 -31.99 -2.15 -11.30
C GLY E 65 -30.76 -2.12 -12.19
N ILE E 66 -29.92 -3.13 -12.03
CA ILE E 66 -28.73 -3.26 -12.85
C ILE E 66 -28.79 -4.56 -13.65
N GLY E 67 -29.43 -5.57 -13.06
CA GLY E 67 -29.51 -6.87 -13.68
C GLY E 67 -28.44 -7.82 -13.15
N THR E 68 -27.90 -7.49 -11.98
CA THR E 68 -26.85 -8.30 -11.36
C THR E 68 -27.40 -9.12 -10.19
N ASP E 69 -26.98 -10.37 -10.11
CA ASP E 69 -27.47 -11.29 -9.07
C ASP E 69 -26.94 -10.88 -7.69
N PRO E 70 -27.86 -10.59 -6.76
CA PRO E 70 -27.51 -10.09 -5.43
C PRO E 70 -26.88 -11.18 -4.56
N TYR E 71 -27.35 -12.40 -4.74
CA TYR E 71 -26.87 -13.53 -3.94
C TYR E 71 -25.49 -13.95 -4.40
N ALA E 72 -25.19 -13.69 -5.67
CA ALA E 72 -23.86 -13.96 -6.20
C ALA E 72 -22.91 -12.88 -5.72
N LEU E 73 -23.35 -11.63 -5.83
CA LEU E 73 -22.54 -10.49 -5.42
C LEU E 73 -22.26 -10.52 -3.92
N LEU E 74 -23.24 -10.96 -3.14
CA LEU E 74 -23.06 -11.07 -1.69
C LEU E 74 -22.07 -12.18 -1.36
N SER E 75 -22.27 -13.35 -1.96
CA SER E 75 -21.35 -14.47 -1.77
C SER E 75 -19.93 -14.09 -2.13
N LYS E 76 -19.78 -13.36 -3.24
CA LYS E 76 -18.47 -12.91 -3.68
C LYS E 76 -17.81 -12.05 -2.60
N LEU E 77 -18.57 -11.11 -2.04
CA LEU E 77 -18.05 -10.22 -1.02
C LEU E 77 -17.77 -10.93 0.29
N GLU E 78 -18.60 -11.93 0.60
N GLU E 78 -18.62 -11.91 0.61
CA GLU E 78 -18.47 -12.66 1.86
CA GLU E 78 -18.50 -12.65 1.86
C GLU E 78 -17.29 -13.63 1.84
C GLU E 78 -17.32 -13.61 1.80
N ALA E 79 -16.95 -14.12 0.65
N ALA E 79 -16.98 -14.05 0.60
CA ALA E 79 -15.84 -15.05 0.51
CA ALA E 79 -15.87 -14.98 0.40
C ALA E 79 -14.51 -14.37 0.81
C ALA E 79 -14.54 -14.28 0.61
N THR E 81 -13.55 -13.07 3.39
N THR E 81 -13.43 -13.38 3.02
CA THR E 81 -13.28 -13.10 4.81
CA THR E 81 -12.92 -13.85 4.30
C THR E 81 -13.23 -14.55 5.30
C THR E 81 -13.27 -15.33 4.44
N PRO E 82 -12.26 -15.33 4.78
N PRO E 82 -12.52 -16.19 3.74
CA PRO E 82 -12.13 -16.76 5.10
CA PRO E 82 -12.71 -17.65 3.75
C PRO E 82 -11.93 -16.98 6.59
C PRO E 82 -12.86 -18.21 5.15
#